data_4YM0
#
_entry.id   4YM0
#
_cell.length_a   45.189
_cell.length_b   130.670
_cell.length_c   45.271
_cell.angle_alpha   90.000
_cell.angle_beta   96.350
_cell.angle_gamma   90.000
#
_symmetry.space_group_name_H-M   'P 1 21 1'
#
loop_
_entity.id
_entity.type
_entity.pdbx_description
1 polymer Galectin-4
2 branched beta-D-galactopyranose-(1-3)-2-acetamido-2-deoxy-beta-D-glucopyranose
3 branched beta-D-galactopyranose-(1-3)-2-acetamido-2-deoxy-beta-D-glucopyranose-(1-3)-beta-D-galactopyranose-(1-4)-beta-D-glucopyranose
4 branched beta-D-galactopyranose-(1-4)-beta-D-glucopyranose
5 non-polymer GLYCEROL
6 water water
#
_entity_poly.entity_id   1
_entity_poly.type   'polypeptide(L)'
_entity_poly.pdbx_seq_one_letter_code
;HCHQQLNSLPTMEGPPTFNPPVPYFGRLQGGLTARRTIIIKGYVPPTGKSFAINFKVGSSGDIALHINPRMGNGTVVRNS
LLNGSWGSEEKKITHNPFGPGQFFDLSIRCGLDRFKVYANGQHLFDFAHRLSAFQRVDTLEIQGDVTLSYVQI
;
_entity_poly.pdbx_strand_id   A,B,D,C
#
loop_
_chem_comp.id
_chem_comp.type
_chem_comp.name
_chem_comp.formula
BGC D-saccharide, beta linking beta-D-glucopyranose 'C6 H12 O6'
GAL D-saccharide, beta linking beta-D-galactopyranose 'C6 H12 O6'
GOL non-polymer GLYCEROL 'C3 H8 O3'
NAG D-saccharide, beta linking 2-acetamido-2-deoxy-beta-D-glucopyranose 'C8 H15 N O6'
#
# COMPACT_ATOMS: atom_id res chain seq x y z
N PRO A 16 -7.67 25.44 21.52
CA PRO A 16 -8.35 24.50 20.65
C PRO A 16 -7.60 24.01 19.41
N THR A 17 -6.55 24.70 18.97
CA THR A 17 -5.60 24.13 18.00
C THR A 17 -4.34 23.65 18.73
N PHE A 18 -3.71 24.54 19.51
CA PHE A 18 -2.51 24.18 20.28
C PHE A 18 -2.81 23.94 21.75
N ASN A 19 -2.16 22.92 22.31
CA ASN A 19 -2.46 22.36 23.64
C ASN A 19 -3.94 22.36 24.04
N PRO A 20 -4.81 21.79 23.18
CA PRO A 20 -6.20 21.68 23.61
C PRO A 20 -6.32 20.56 24.64
N PRO A 21 -6.99 20.81 25.78
CA PRO A 21 -7.11 19.76 26.78
C PRO A 21 -8.13 18.70 26.37
N VAL A 22 -8.14 17.60 27.11
CA VAL A 22 -9.12 16.52 26.89
C VAL A 22 -10.14 16.57 28.04
N PRO A 23 -11.41 16.31 27.77
CA PRO A 23 -11.95 15.87 26.48
C PRO A 23 -12.02 16.98 25.42
N TYR A 24 -11.54 16.66 24.22
CA TYR A 24 -11.56 17.55 23.08
C TYR A 24 -12.90 17.39 22.37
N PHE A 25 -13.51 18.51 22.00
CA PHE A 25 -14.73 18.53 21.17
C PHE A 25 -14.59 19.60 20.09
N GLY A 26 -14.53 19.16 18.83
CA GLY A 26 -14.30 20.04 17.69
C GLY A 26 -15.28 19.79 16.56
N ARG A 27 -15.96 20.83 16.12
CA ARG A 27 -16.90 20.74 15.00
C ARG A 27 -16.16 20.84 13.68
N LEU A 28 -16.48 19.91 12.79
CA LEU A 28 -15.92 19.87 11.44
C LEU A 28 -16.89 20.65 10.56
N GLN A 29 -16.54 21.90 10.24
CA GLN A 29 -17.39 22.80 9.45
C GLN A 29 -17.76 22.18 8.12
N GLY A 30 -19.07 22.14 7.84
CA GLY A 30 -19.64 21.33 6.77
C GLY A 30 -19.72 19.88 7.21
N GLY A 31 -19.19 18.98 6.38
CA GLY A 31 -18.99 17.58 6.74
C GLY A 31 -17.54 17.20 6.49
N LEU A 32 -17.14 16.03 6.97
CA LEU A 32 -15.79 15.51 6.71
C LEU A 32 -15.74 15.03 5.26
N THR A 33 -15.57 15.99 4.34
CA THR A 33 -15.59 15.72 2.90
C THR A 33 -14.31 15.01 2.47
N ALA A 34 -14.37 14.32 1.34
CA ALA A 34 -13.24 13.56 0.81
C ALA A 34 -12.09 14.49 0.39
N ARG A 35 -10.87 14.15 0.79
CA ARG A 35 -9.71 15.03 0.60
C ARG A 35 -9.30 15.81 1.87
N ARG A 36 -10.22 15.91 2.83
CA ARG A 36 -9.98 16.64 4.08
C ARG A 36 -9.08 15.81 5.00
N THR A 37 -7.95 16.41 5.41
CA THR A 37 -6.97 15.73 6.27
C THR A 37 -6.94 16.40 7.66
N ILE A 38 -6.93 15.56 8.69
CA ILE A 38 -6.95 16.00 10.08
C ILE A 38 -5.63 15.59 10.75
N ILE A 39 -5.02 16.54 11.46
CA ILE A 39 -3.74 16.36 12.13
C ILE A 39 -3.99 16.27 13.63
N ILE A 40 -3.40 15.25 14.27
CA ILE A 40 -3.43 15.12 15.72
C ILE A 40 -2.02 14.75 16.19
N LYS A 41 -1.37 15.70 16.87
CA LYS A 41 -0.08 15.44 17.51
C LYS A 41 -0.29 15.37 19.01
N GLY A 42 0.28 14.34 19.62
CA GLY A 42 0.07 14.10 21.04
C GLY A 42 1.17 13.28 21.67
N TYR A 43 0.93 12.95 22.94
CA TYR A 43 1.89 12.29 23.81
C TYR A 43 1.14 11.28 24.65
N VAL A 44 1.60 10.03 24.64
CA VAL A 44 0.98 8.98 25.42
C VAL A 44 1.63 9.02 26.81
N PRO A 45 0.84 9.30 27.86
CA PRO A 45 1.43 9.36 29.20
C PRO A 45 1.95 7.99 29.65
N PRO A 46 3.08 7.96 30.38
CA PRO A 46 3.62 6.67 30.87
C PRO A 46 2.63 5.85 31.73
N THR A 47 1.80 6.53 32.51
CA THR A 47 0.82 5.88 33.39
C THR A 47 -0.62 6.00 32.85
N GLY A 48 -0.77 5.93 31.53
CA GLY A 48 -2.08 5.94 30.87
C GLY A 48 -2.45 4.55 30.42
N LYS A 49 -3.75 4.29 30.33
CA LYS A 49 -4.28 2.99 29.90
C LYS A 49 -4.93 3.00 28.52
N SER A 50 -5.63 4.08 28.19
CA SER A 50 -6.51 4.09 27.01
C SER A 50 -6.89 5.51 26.63
N PHE A 51 -6.95 5.78 25.32
CA PHE A 51 -7.55 7.01 24.78
C PHE A 51 -8.25 6.72 23.45
N ALA A 52 -9.24 7.53 23.13
CA ALA A 52 -10.08 7.32 21.93
C ALA A 52 -10.16 8.57 21.06
N ILE A 53 -10.08 8.37 19.74
CA ILE A 53 -10.33 9.41 18.75
C ILE A 53 -11.59 9.00 17.99
N ASN A 54 -12.66 9.78 18.13
CA ASN A 54 -13.96 9.47 17.55
C ASN A 54 -14.37 10.50 16.49
N PHE A 55 -14.60 10.01 15.28
CA PHE A 55 -15.19 10.81 14.20
C PHE A 55 -16.68 10.52 14.21
N LYS A 56 -17.46 11.55 14.50
CA LYS A 56 -18.81 11.40 15.05
C LYS A 56 -19.87 12.15 14.23
N VAL A 57 -21.09 11.59 14.21
CA VAL A 57 -22.27 12.26 13.68
C VAL A 57 -22.93 13.01 14.83
N GLY A 58 -22.71 14.31 14.90
CA GLY A 58 -23.20 15.13 16.00
C GLY A 58 -22.44 14.86 17.29
N SER A 59 -22.75 15.65 18.32
CA SER A 59 -22.12 15.51 19.63
C SER A 59 -22.48 14.21 20.35
N SER A 60 -23.66 13.66 20.07
CA SER A 60 -24.15 12.45 20.75
C SER A 60 -24.85 11.45 19.81
N GLY A 61 -24.35 11.32 18.58
CA GLY A 61 -24.85 10.33 17.62
C GLY A 61 -23.85 9.22 17.35
N ASP A 62 -23.87 8.70 16.12
CA ASP A 62 -23.05 7.56 15.74
C ASP A 62 -21.57 7.91 15.58
N ILE A 63 -20.71 6.93 15.86
CA ILE A 63 -19.26 7.04 15.68
C ILE A 63 -18.89 6.29 14.38
N ALA A 64 -18.50 7.04 13.36
CA ALA A 64 -18.12 6.48 12.06
C ALA A 64 -16.77 5.76 12.14
N LEU A 65 -15.82 6.38 12.84
CA LEU A 65 -14.53 5.76 13.13
C LEU A 65 -14.12 6.03 14.58
N HIS A 66 -13.91 4.94 15.32
CA HIS A 66 -13.43 4.95 16.70
C HIS A 66 -12.01 4.41 16.64
N ILE A 67 -11.02 5.25 16.96
CA ILE A 67 -9.62 4.82 17.06
C ILE A 67 -9.28 4.78 18.54
N ASN A 68 -8.94 3.60 19.04
CA ASN A 68 -8.75 3.39 20.47
C ASN A 68 -7.46 2.61 20.75
N PRO A 69 -6.32 3.32 20.85
CA PRO A 69 -5.11 2.69 21.32
C PRO A 69 -5.20 2.32 22.80
N ARG A 70 -4.83 1.09 23.13
CA ARG A 70 -4.88 0.59 24.51
C ARG A 70 -3.47 0.17 24.93
N MET A 71 -2.92 0.88 25.89
N MET A 71 -2.92 0.86 25.91
CA MET A 71 -1.54 0.67 26.36
CA MET A 71 -1.53 0.65 26.33
C MET A 71 -1.32 -0.68 27.05
C MET A 71 -1.31 -0.66 27.09
N GLY A 72 -2.37 -1.19 27.71
CA GLY A 72 -2.29 -2.47 28.44
C GLY A 72 -1.91 -3.68 27.60
N ASN A 73 -2.64 -3.87 26.50
CA ASN A 73 -2.34 -4.94 25.51
C ASN A 73 -1.67 -4.44 24.22
N GLY A 74 -1.32 -3.15 24.17
CA GLY A 74 -0.60 -2.56 23.04
C GLY A 74 -1.30 -2.74 21.72
N THR A 75 -2.59 -2.42 21.71
CA THR A 75 -3.46 -2.68 20.58
C THR A 75 -4.04 -1.36 20.07
N VAL A 76 -4.32 -1.31 18.77
CA VAL A 76 -4.96 -0.16 18.13
C VAL A 76 -6.29 -0.66 17.54
N VAL A 77 -7.34 -0.57 18.35
CA VAL A 77 -8.67 -1.01 17.98
C VAL A 77 -9.36 0.05 17.12
N ARG A 78 -9.91 -0.39 15.99
CA ARG A 78 -10.80 0.43 15.18
C ARG A 78 -12.18 -0.22 15.11
N ASN A 79 -13.22 0.60 15.18
CA ASN A 79 -14.60 0.13 15.11
C ASN A 79 -15.54 1.29 14.82
N SER A 80 -16.80 0.96 14.57
CA SER A 80 -17.88 1.94 14.42
C SER A 80 -19.03 1.61 15.37
N LEU A 81 -19.59 2.65 15.98
CA LEU A 81 -20.80 2.56 16.80
C LEU A 81 -21.95 3.12 15.98
N LEU A 82 -22.78 2.22 15.44
CA LEU A 82 -23.85 2.58 14.52
C LEU A 82 -25.20 2.01 14.98
N ASN A 83 -26.18 2.90 15.12
CA ASN A 83 -27.53 2.57 15.60
C ASN A 83 -27.52 1.84 16.95
N GLY A 84 -26.63 2.28 17.83
CA GLY A 84 -26.50 1.73 19.18
C GLY A 84 -25.57 0.54 19.39
N SER A 85 -25.00 -0.01 18.31
CA SER A 85 -24.17 -1.24 18.39
C SER A 85 -22.74 -1.03 17.87
N TRP A 86 -21.79 -1.65 18.55
CA TRP A 86 -20.40 -1.74 18.09
C TRP A 86 -20.29 -2.85 17.04
N GLY A 87 -19.53 -2.58 15.98
CA GLY A 87 -19.34 -3.53 14.89
C GLY A 87 -18.22 -4.52 15.19
N SER A 88 -17.68 -5.12 14.14
CA SER A 88 -16.53 -5.99 14.27
C SER A 88 -15.26 -5.15 14.34
N GLU A 89 -14.42 -5.41 15.34
CA GLU A 89 -13.19 -4.64 15.53
C GLU A 89 -12.12 -4.98 14.49
N GLU A 90 -11.40 -3.94 14.04
CA GLU A 90 -10.23 -4.10 13.17
C GLU A 90 -9.00 -3.72 13.99
N LYS A 91 -8.04 -4.64 14.07
CA LYS A 91 -6.85 -4.49 14.94
C LYS A 91 -5.50 -4.65 14.24
N LYS A 92 -5.48 -5.10 12.98
CA LYS A 92 -4.22 -5.34 12.26
C LYS A 92 -3.40 -4.08 12.06
N ILE A 93 -2.12 -4.17 12.42
CA ILE A 93 -1.14 -3.09 12.25
C ILE A 93 0.22 -3.72 11.94
N THR A 94 1.11 -2.93 11.36
CA THR A 94 2.52 -3.29 11.20
C THR A 94 3.43 -2.55 12.19
N HIS A 95 2.88 -1.56 12.90
CA HIS A 95 3.61 -0.85 13.95
C HIS A 95 2.64 -0.15 14.90
N ASN A 96 3.05 -0.04 16.16
CA ASN A 96 2.27 0.67 17.18
C ASN A 96 3.05 1.92 17.62
N PRO A 97 2.58 3.12 17.20
CA PRO A 97 3.22 4.36 17.63
C PRO A 97 2.79 4.86 19.03
N PHE A 98 1.83 4.18 19.67
CA PHE A 98 1.24 4.68 20.92
C PHE A 98 1.80 4.02 22.19
N GLY A 99 3.10 3.73 22.21
CA GLY A 99 3.75 3.15 23.38
C GLY A 99 3.85 4.13 24.52
N PRO A 100 4.09 3.64 25.76
CA PRO A 100 4.20 4.53 26.93
C PRO A 100 5.28 5.60 26.75
N GLY A 101 4.92 6.86 27.02
CA GLY A 101 5.87 7.97 26.89
C GLY A 101 6.28 8.36 25.48
N GLN A 102 5.55 7.87 24.46
CA GLN A 102 5.88 8.15 23.06
C GLN A 102 5.10 9.38 22.57
N PHE A 103 5.80 10.27 21.87
CA PHE A 103 5.17 11.31 21.06
C PHE A 103 4.77 10.69 19.73
N PHE A 104 3.65 11.15 19.17
CA PHE A 104 3.16 10.65 17.87
C PHE A 104 2.55 11.77 17.03
N ASP A 105 2.55 11.57 15.71
CA ASP A 105 1.99 12.50 14.73
C ASP A 105 0.98 11.76 13.85
N LEU A 106 -0.31 11.98 14.09
CA LEU A 106 -1.39 11.32 13.34
C LEU A 106 -1.89 12.16 12.19
N SER A 107 -1.99 11.56 11.01
CA SER A 107 -2.62 12.16 9.84
C SER A 107 -3.80 11.28 9.41
N ILE A 108 -5.01 11.84 9.47
CA ILE A 108 -6.24 11.11 9.18
C ILE A 108 -6.96 11.76 8.00
N ARG A 109 -6.92 11.09 6.85
CA ARG A 109 -7.61 11.58 5.65
C ARG A 109 -8.89 10.80 5.44
N CYS A 110 -10.02 11.52 5.38
CA CYS A 110 -11.28 10.92 4.97
C CYS A 110 -11.23 10.74 3.47
N GLY A 111 -11.07 9.50 3.03
CA GLY A 111 -11.12 9.18 1.61
C GLY A 111 -12.55 9.16 1.11
N LEU A 112 -12.72 8.53 -0.04
CA LEU A 112 -14.01 8.37 -0.68
C LEU A 112 -14.70 7.13 -0.13
N ASP A 113 -13.97 6.01 -0.11
CA ASP A 113 -14.45 4.72 0.41
C ASP A 113 -13.83 4.26 1.73
N ARG A 114 -12.83 4.98 2.24
CA ARG A 114 -12.12 4.58 3.46
C ARG A 114 -11.31 5.72 4.09
N PHE A 115 -11.16 5.67 5.42
CA PHE A 115 -10.21 6.56 6.10
C PHE A 115 -8.79 6.09 5.79
N LYS A 116 -7.88 7.05 5.65
CA LYS A 116 -6.45 6.78 5.42
C LYS A 116 -5.67 7.40 6.59
N VAL A 117 -5.07 6.54 7.42
CA VAL A 117 -4.43 6.99 8.67
C VAL A 117 -2.94 6.68 8.69
N TYR A 118 -2.13 7.73 8.84
CA TYR A 118 -0.68 7.61 8.96
C TYR A 118 -0.24 8.02 10.36
N ALA A 119 0.79 7.35 10.86
CA ALA A 119 1.42 7.68 12.14
C ALA A 119 2.90 7.93 11.91
N ASN A 120 3.38 9.11 12.30
CA ASN A 120 4.77 9.51 12.13
C ASN A 120 5.30 9.35 10.69
N GLY A 121 4.42 9.59 9.70
CA GLY A 121 4.77 9.46 8.28
C GLY A 121 4.70 8.06 7.67
N GLN A 122 4.31 7.06 8.45
CA GLN A 122 4.20 5.67 7.99
C GLN A 122 2.73 5.25 8.05
N HIS A 123 2.29 4.50 7.05
CA HIS A 123 0.90 4.00 7.00
C HIS A 123 0.60 3.14 8.24
N LEU A 124 -0.50 3.46 8.91
CA LEU A 124 -0.93 2.72 10.11
C LEU A 124 -2.10 1.79 9.79
N PHE A 125 -3.17 2.35 9.24
CA PHE A 125 -4.31 1.55 8.76
C PHE A 125 -5.20 2.33 7.79
N ASP A 126 -5.96 1.57 7.00
CA ASP A 126 -7.15 2.06 6.31
C ASP A 126 -8.38 1.49 7.00
N PHE A 127 -9.47 2.26 7.01
CA PHE A 127 -10.73 1.81 7.59
C PHE A 127 -11.88 2.15 6.63
N ALA A 128 -12.39 1.11 5.95
CA ALA A 128 -13.50 1.26 5.00
C ALA A 128 -14.73 1.84 5.67
N HIS A 129 -15.44 2.73 4.97
CA HIS A 129 -16.62 3.39 5.52
C HIS A 129 -17.77 2.42 5.69
N ARG A 130 -18.28 2.34 6.92
CA ARG A 130 -19.48 1.58 7.25
C ARG A 130 -20.71 2.48 7.24
N LEU A 131 -20.53 3.73 7.69
CA LEU A 131 -21.57 4.74 7.65
C LEU A 131 -21.71 5.31 6.24
N SER A 132 -22.92 5.71 5.89
CA SER A 132 -23.28 6.16 4.54
C SER A 132 -22.73 7.57 4.28
N ALA A 133 -22.08 8.10 5.24
CA ALA A 133 -21.54 9.38 5.15
C ALA A 133 -20.12 9.56 4.73
N PHE A 134 -20.06 10.22 3.59
CA PHE A 134 -18.86 10.77 3.05
C PHE A 134 -18.76 11.97 4.04
N GLN A 135 -19.90 12.72 4.18
CA GLN A 135 -20.05 13.88 5.08
C GLN A 135 -21.22 13.99 6.09
N ARG A 136 -21.62 12.91 6.54
CA ARG A 136 -22.45 12.85 7.75
C ARG A 136 -21.62 13.02 9.03
N VAL A 137 -20.30 12.93 8.87
CA VAL A 137 -19.34 13.01 9.97
C VAL A 137 -18.97 14.48 10.17
N ASP A 138 -19.33 15.05 11.32
CA ASP A 138 -19.15 16.49 11.58
C ASP A 138 -18.56 16.84 12.95
N THR A 139 -18.00 15.87 13.66
CA THR A 139 -17.53 16.08 15.04
C THR A 139 -16.32 15.20 15.35
N LEU A 140 -15.24 15.82 15.82
CA LEU A 140 -14.07 15.13 16.33
C LEU A 140 -14.09 15.19 17.85
N GLU A 141 -14.14 14.01 18.47
CA GLU A 141 -14.09 13.85 19.91
C GLU A 141 -12.84 13.05 20.25
N ILE A 142 -11.96 13.62 21.07
CA ILE A 142 -10.80 12.93 21.60
C ILE A 142 -10.92 12.90 23.13
N GLN A 143 -10.82 11.72 23.71
CA GLN A 143 -10.97 11.53 25.15
C GLN A 143 -10.08 10.43 25.69
N GLY A 144 -9.90 10.45 27.01
CA GLY A 144 -9.07 9.48 27.72
C GLY A 144 -7.64 9.94 27.98
N ASP A 145 -6.74 8.96 28.10
CA ASP A 145 -5.39 9.19 28.61
C ASP A 145 -4.45 9.57 27.48
N VAL A 146 -4.52 10.84 27.10
CA VAL A 146 -3.66 11.39 26.06
C VAL A 146 -3.47 12.89 26.33
N THR A 147 -2.26 13.38 26.03
CA THR A 147 -1.98 14.82 26.05
C THR A 147 -1.71 15.29 24.63
N LEU A 148 -2.55 16.21 24.17
CA LEU A 148 -2.51 16.72 22.81
C LEU A 148 -1.68 18.00 22.76
N SER A 149 -0.74 18.07 21.82
CA SER A 149 0.03 19.30 21.55
C SER A 149 -0.55 20.12 20.39
N TYR A 150 -1.22 19.45 19.45
CA TYR A 150 -1.70 20.13 18.24
C TYR A 150 -2.81 19.30 17.58
N VAL A 151 -3.97 19.94 17.36
CA VAL A 151 -5.08 19.35 16.62
C VAL A 151 -5.51 20.32 15.51
N GLN A 152 -5.41 19.89 14.26
CA GLN A 152 -5.82 20.72 13.11
C GLN A 152 -7.08 20.14 12.47
N ILE A 153 -8.10 20.98 12.37
CA ILE A 153 -9.42 20.55 11.92
C ILE A 153 -10.01 21.53 10.90
N PRO B 15 24.47 -13.26 -24.06
CA PRO B 15 24.04 -12.35 -25.10
C PRO B 15 24.75 -11.00 -25.03
N PRO B 16 24.66 -10.19 -26.11
CA PRO B 16 25.32 -8.89 -26.11
C PRO B 16 24.57 -7.85 -25.26
N THR B 17 25.31 -6.87 -24.75
CA THR B 17 24.74 -5.80 -23.95
C THR B 17 24.00 -4.79 -24.84
N PHE B 18 24.53 -4.54 -26.03
CA PHE B 18 23.96 -3.56 -26.97
C PHE B 18 23.22 -4.19 -28.16
N ASN B 19 22.07 -3.61 -28.49
CA ASN B 19 21.10 -4.14 -29.45
C ASN B 19 20.90 -5.67 -29.42
N PRO B 20 20.68 -6.26 -28.22
CA PRO B 20 20.46 -7.70 -28.20
C PRO B 20 19.13 -8.06 -28.82
N PRO B 21 19.08 -9.14 -29.62
CA PRO B 21 17.81 -9.50 -30.23
C PRO B 21 16.88 -10.17 -29.22
N VAL B 22 15.59 -10.16 -29.55
CA VAL B 22 14.53 -10.78 -28.75
C VAL B 22 14.18 -12.11 -29.42
N PRO B 23 14.09 -13.23 -28.67
CA PRO B 23 14.09 -13.29 -27.22
C PRO B 23 15.48 -13.23 -26.55
N TYR B 24 15.56 -12.49 -25.45
CA TYR B 24 16.79 -12.28 -24.70
C TYR B 24 16.87 -13.30 -23.56
N PHE B 25 18.04 -13.92 -23.41
CA PHE B 25 18.32 -14.87 -22.31
C PHE B 25 19.60 -14.47 -21.59
N GLY B 26 19.46 -13.69 -20.51
CA GLY B 26 20.60 -13.20 -19.73
C GLY B 26 20.79 -13.96 -18.42
N ARG B 27 22.02 -14.42 -18.17
CA ARG B 27 22.35 -15.17 -16.95
C ARG B 27 22.87 -14.22 -15.87
N LEU B 28 22.11 -14.11 -14.78
CA LEU B 28 22.52 -13.33 -13.60
C LEU B 28 23.49 -14.16 -12.77
N GLN B 29 24.77 -14.13 -13.18
CA GLN B 29 25.80 -14.97 -12.57
C GLN B 29 25.98 -14.70 -11.08
N GLY B 30 26.03 -15.77 -10.29
CA GLY B 30 26.04 -15.69 -8.83
C GLY B 30 24.72 -15.25 -8.21
N GLY B 31 23.62 -15.38 -8.97
CA GLY B 31 22.30 -14.96 -8.51
C GLY B 31 22.08 -13.46 -8.47
N LEU B 32 20.81 -13.09 -8.36
CA LEU B 32 20.40 -11.70 -8.20
C LEU B 32 20.64 -11.27 -6.75
N THR B 33 21.32 -10.12 -6.58
CA THR B 33 21.67 -9.60 -5.25
C THR B 33 21.04 -8.23 -4.98
N ALA B 34 21.11 -7.80 -3.73
CA ALA B 34 20.54 -6.51 -3.29
C ALA B 34 21.25 -5.27 -3.87
N ARG B 35 22.54 -5.40 -4.19
CA ARG B 35 23.34 -4.30 -4.73
C ARG B 35 23.59 -4.45 -6.26
N ARG B 36 22.63 -5.06 -6.95
CA ARG B 36 22.68 -5.21 -8.42
C ARG B 36 21.50 -4.47 -9.03
N THR B 37 21.80 -3.48 -9.87
CA THR B 37 20.78 -2.74 -10.62
C THR B 37 20.80 -3.22 -12.07
N ILE B 38 19.62 -3.61 -12.58
CA ILE B 38 19.45 -3.99 -13.98
C ILE B 38 19.02 -2.73 -14.75
N ILE B 39 19.49 -2.62 -16.00
CA ILE B 39 19.12 -1.54 -16.89
C ILE B 39 18.53 -2.18 -18.16
N ILE B 40 17.36 -1.71 -18.58
CA ILE B 40 16.73 -2.13 -19.84
C ILE B 40 16.27 -0.89 -20.59
N LYS B 41 16.93 -0.59 -21.70
CA LYS B 41 16.50 0.46 -22.62
C LYS B 41 15.99 -0.19 -23.90
N GLY B 42 14.77 0.16 -24.30
CA GLY B 42 14.14 -0.43 -25.46
C GLY B 42 13.14 0.47 -26.15
N TYR B 43 12.43 -0.12 -27.10
CA TYR B 43 11.51 0.58 -28.00
C TYR B 43 10.27 -0.29 -28.20
N VAL B 44 9.10 0.27 -27.96
CA VAL B 44 7.84 -0.45 -28.16
C VAL B 44 7.39 -0.21 -29.61
N PRO B 45 7.34 -1.28 -30.43
CA PRO B 45 6.92 -1.12 -31.84
C PRO B 45 5.48 -0.61 -31.97
N PRO B 46 5.18 0.21 -33.00
CA PRO B 46 3.79 0.70 -33.20
C PRO B 46 2.72 -0.40 -33.34
N THR B 47 3.09 -1.55 -33.92
CA THR B 47 2.16 -2.68 -34.11
C THR B 47 2.14 -3.70 -32.96
N GLY B 48 3.07 -3.58 -32.01
CA GLY B 48 3.19 -4.54 -30.92
C GLY B 48 1.97 -4.59 -30.01
N LYS B 49 1.63 -5.80 -29.55
CA LYS B 49 0.53 -6.02 -28.60
C LYS B 49 1.01 -6.35 -27.18
N SER B 50 2.16 -6.99 -27.05
CA SER B 50 2.63 -7.47 -25.75
C SER B 50 4.12 -7.83 -25.76
N PHE B 51 4.82 -7.48 -24.67
CA PHE B 51 6.15 -8.02 -24.37
C PHE B 51 6.29 -8.29 -22.87
N ALA B 52 7.18 -9.20 -22.49
CA ALA B 52 7.35 -9.58 -21.08
C ALA B 52 8.81 -9.55 -20.66
N ILE B 53 9.07 -8.97 -19.50
CA ILE B 53 10.37 -9.05 -18.82
C ILE B 53 10.19 -10.00 -17.64
N ASN B 54 10.86 -11.14 -17.70
CA ASN B 54 10.77 -12.18 -16.68
C ASN B 54 12.05 -12.33 -15.87
N PHE B 55 11.91 -12.36 -14.55
CA PHE B 55 13.00 -12.67 -13.62
C PHE B 55 12.75 -14.08 -13.12
N LYS B 56 13.62 -15.02 -13.51
CA LYS B 56 13.33 -16.44 -13.44
C LYS B 56 14.31 -17.26 -12.60
N VAL B 57 13.82 -18.40 -12.11
CA VAL B 57 14.63 -19.44 -11.49
C VAL B 57 14.97 -20.44 -12.59
N GLY B 58 16.11 -20.24 -13.24
CA GLY B 58 16.51 -21.04 -14.40
C GLY B 58 15.72 -20.66 -15.63
N SER B 59 15.99 -21.33 -16.76
CA SER B 59 15.25 -21.11 -18.00
C SER B 59 13.83 -21.70 -17.97
N SER B 60 13.63 -22.76 -17.19
CA SER B 60 12.38 -23.53 -17.16
C SER B 60 11.48 -23.32 -15.94
N GLY B 61 12.04 -22.85 -14.82
CA GLY B 61 11.34 -22.82 -13.54
C GLY B 61 10.43 -21.63 -13.30
N ASP B 62 10.30 -21.25 -12.02
CA ASP B 62 9.38 -20.19 -11.58
C ASP B 62 9.81 -18.80 -12.07
N ILE B 63 8.82 -17.93 -12.23
CA ILE B 63 9.04 -16.52 -12.57
C ILE B 63 8.77 -15.70 -11.30
N ALA B 64 9.84 -15.13 -10.75
CA ALA B 64 9.74 -14.30 -9.54
C ALA B 64 8.96 -13.02 -9.82
N LEU B 65 9.26 -12.39 -10.95
CA LEU B 65 8.56 -11.19 -11.40
C LEU B 65 8.38 -11.19 -12.91
N HIS B 66 7.11 -11.22 -13.32
CA HIS B 66 6.67 -11.14 -14.72
C HIS B 66 6.25 -9.68 -14.90
N ILE B 67 6.88 -8.97 -15.85
CA ILE B 67 6.50 -7.58 -16.15
C ILE B 67 6.00 -7.58 -17.58
N ASN B 68 4.69 -7.40 -17.75
CA ASN B 68 4.01 -7.64 -19.02
C ASN B 68 3.19 -6.43 -19.47
N PRO B 69 3.84 -5.45 -20.13
CA PRO B 69 3.08 -4.38 -20.75
C PRO B 69 2.25 -4.86 -21.93
N ARG B 70 0.98 -4.48 -21.95
CA ARG B 70 0.03 -4.87 -22.99
C ARG B 70 -0.50 -3.61 -23.67
N MET B 71 -0.14 -3.43 -24.94
CA MET B 71 -0.47 -2.21 -25.69
C MET B 71 -1.97 -2.02 -25.90
N GLY B 72 -2.66 -3.10 -26.27
CA GLY B 72 -4.11 -3.09 -26.55
C GLY B 72 -4.98 -2.37 -25.51
N ASN B 73 -4.77 -2.71 -24.24
CA ASN B 73 -5.47 -2.04 -23.13
C ASN B 73 -4.59 -1.12 -22.26
N GLY B 74 -3.30 -1.01 -22.63
CA GLY B 74 -2.36 -0.14 -21.93
C GLY B 74 -2.18 -0.47 -20.47
N THR B 75 -2.05 -1.77 -20.18
CA THR B 75 -1.81 -2.23 -18.81
C THR B 75 -0.34 -2.61 -18.65
N VAL B 76 0.13 -2.50 -17.41
CA VAL B 76 1.43 -3.02 -17.00
C VAL B 76 1.11 -4.08 -15.94
N VAL B 77 0.90 -5.31 -16.43
CA VAL B 77 0.58 -6.43 -15.56
C VAL B 77 1.87 -6.93 -14.96
N ARG B 78 1.85 -7.21 -13.67
CA ARG B 78 2.91 -8.00 -13.05
C ARG B 78 2.38 -9.04 -12.09
N ASN B 79 3.14 -10.12 -11.97
CA ASN B 79 2.69 -11.34 -11.35
C ASN B 79 3.86 -12.28 -11.11
N SER B 80 3.60 -13.38 -10.41
CA SER B 80 4.54 -14.49 -10.27
C SER B 80 3.89 -15.76 -10.78
N LEU B 81 4.67 -16.57 -11.51
CA LEU B 81 4.29 -17.93 -11.87
C LEU B 81 5.04 -18.85 -10.90
N LEU B 82 4.33 -19.30 -9.86
CA LEU B 82 4.91 -20.13 -8.80
C LEU B 82 4.30 -21.52 -8.79
N ASN B 83 5.15 -22.53 -9.01
CA ASN B 83 4.76 -23.94 -9.04
C ASN B 83 3.67 -24.26 -10.07
N GLY B 84 3.75 -23.59 -11.22
CA GLY B 84 2.85 -23.82 -12.35
C GLY B 84 1.61 -22.95 -12.46
N SER B 85 1.33 -22.13 -11.44
CA SER B 85 0.12 -21.28 -11.43
C SER B 85 0.45 -19.80 -11.19
N TRP B 86 -0.31 -18.93 -11.85
CA TRP B 86 -0.14 -17.49 -11.71
C TRP B 86 -0.83 -17.00 -10.45
N GLY B 87 -0.19 -16.07 -9.75
CA GLY B 87 -0.79 -15.43 -8.57
C GLY B 87 -1.73 -14.32 -8.96
N SER B 88 -1.95 -13.37 -8.05
CA SER B 88 -2.78 -12.20 -8.33
C SER B 88 -2.01 -11.20 -9.19
N GLU B 89 -2.75 -10.51 -10.06
CA GLU B 89 -2.18 -9.48 -10.93
C GLU B 89 -2.21 -8.13 -10.23
N GLU B 90 -1.02 -7.53 -10.07
CA GLU B 90 -0.90 -6.15 -9.62
C GLU B 90 -0.79 -5.26 -10.85
N LYS B 91 -1.77 -4.40 -11.05
CA LYS B 91 -1.85 -3.55 -12.26
C LYS B 91 -1.76 -2.04 -12.03
N LYS B 92 -1.72 -1.60 -10.77
CA LYS B 92 -1.76 -0.15 -10.46
C LYS B 92 -0.50 0.62 -10.90
N ILE B 93 -0.71 1.68 -11.67
CA ILE B 93 0.36 2.58 -12.12
C ILE B 93 -0.12 4.04 -12.01
N THR B 94 0.84 4.96 -11.99
CA THR B 94 0.55 6.39 -12.19
C THR B 94 0.98 6.89 -13.59
N HIS B 95 1.64 6.03 -14.35
CA HIS B 95 2.00 6.32 -15.75
C HIS B 95 2.32 5.02 -16.49
N ASN B 96 2.05 5.02 -17.80
CA ASN B 96 2.41 3.91 -18.67
C ASN B 96 3.47 4.36 -19.69
N PRO B 97 4.74 3.96 -19.49
CA PRO B 97 5.80 4.32 -20.43
C PRO B 97 5.85 3.47 -21.70
N PHE B 98 5.00 2.45 -21.81
CA PHE B 98 5.08 1.47 -22.91
C PHE B 98 4.06 1.68 -24.03
N GLY B 99 3.80 2.95 -24.37
CA GLY B 99 2.92 3.29 -25.48
C GLY B 99 3.53 2.90 -26.82
N PRO B 100 2.70 2.66 -27.85
CA PRO B 100 3.20 2.38 -29.20
C PRO B 100 4.15 3.46 -29.73
N GLY B 101 5.28 3.03 -30.28
CA GLY B 101 6.29 3.93 -30.83
C GLY B 101 7.10 4.73 -29.82
N GLN B 102 7.05 4.32 -28.55
CA GLN B 102 7.76 5.01 -27.47
C GLN B 102 9.05 4.29 -27.11
N PHE B 103 10.08 5.07 -26.80
CA PHE B 103 11.30 4.58 -26.17
C PHE B 103 11.10 4.59 -24.66
N PHE B 104 11.69 3.63 -23.97
CA PHE B 104 11.66 3.58 -22.50
C PHE B 104 13.03 3.24 -21.91
N ASP B 105 13.21 3.59 -20.63
CA ASP B 105 14.43 3.31 -19.88
C ASP B 105 14.06 2.79 -18.49
N LEU B 106 14.20 1.48 -18.30
CA LEU B 106 13.85 0.83 -17.03
C LEU B 106 15.07 0.59 -16.14
N SER B 107 14.98 1.10 -14.90
CA SER B 107 15.88 0.68 -13.82
C SER B 107 15.11 -0.29 -12.93
N ILE B 108 15.70 -1.46 -12.68
CA ILE B 108 15.08 -2.52 -11.87
C ILE B 108 16.04 -2.92 -10.77
N ARG B 109 15.72 -2.52 -9.53
CA ARG B 109 16.52 -2.83 -8.35
C ARG B 109 15.80 -3.90 -7.51
N CYS B 110 16.46 -5.02 -7.27
CA CYS B 110 15.90 -6.12 -6.48
C CYS B 110 16.31 -6.01 -5.02
N GLY B 111 15.49 -5.34 -4.22
CA GLY B 111 15.74 -5.17 -2.79
C GLY B 111 15.47 -6.43 -1.97
N LEU B 112 15.51 -6.27 -0.64
CA LEU B 112 15.28 -7.38 0.30
C LEU B 112 13.80 -7.70 0.51
N ASP B 113 12.96 -6.66 0.53
CA ASP B 113 11.50 -6.79 0.67
C ASP B 113 10.73 -6.79 -0.66
N ARG B 114 11.36 -6.26 -1.71
CA ARG B 114 10.62 -5.82 -2.90
C ARG B 114 11.51 -5.50 -4.10
N PHE B 115 10.96 -5.69 -5.29
CA PHE B 115 11.53 -5.13 -6.52
C PHE B 115 11.10 -3.67 -6.57
N LYS B 116 12.04 -2.78 -6.90
CA LYS B 116 11.75 -1.36 -7.10
C LYS B 116 12.07 -1.02 -8.56
N VAL B 117 11.02 -0.67 -9.32
CA VAL B 117 11.14 -0.44 -10.76
C VAL B 117 10.81 1.00 -11.11
N TYR B 118 11.76 1.65 -11.76
CA TYR B 118 11.59 3.00 -12.29
C TYR B 118 11.56 2.95 -13.81
N ALA B 119 10.91 3.93 -14.41
CA ALA B 119 10.81 4.06 -15.87
C ALA B 119 11.02 5.52 -16.24
N ASN B 120 12.06 5.78 -17.02
CA ASN B 120 12.43 7.15 -17.42
C ASN B 120 12.70 8.06 -16.21
N GLY B 121 13.38 7.51 -15.21
CA GLY B 121 13.64 8.22 -13.96
C GLY B 121 12.50 8.37 -12.97
N GLN B 122 11.32 7.83 -13.30
CA GLN B 122 10.11 7.99 -12.48
C GLN B 122 9.65 6.64 -11.96
N HIS B 123 9.31 6.58 -10.68
CA HIS B 123 8.87 5.34 -10.04
C HIS B 123 7.66 4.79 -10.78
N LEU B 124 7.71 3.50 -11.11
CA LEU B 124 6.65 2.84 -11.86
C LEU B 124 5.82 1.96 -10.94
N PHE B 125 6.47 1.03 -10.26
CA PHE B 125 5.83 0.16 -9.28
C PHE B 125 6.83 -0.45 -8.29
N ASP B 126 6.29 -0.91 -7.16
CA ASP B 126 6.98 -1.81 -6.25
C ASP B 126 6.25 -3.15 -6.31
N PHE B 127 7.01 -4.24 -6.19
CA PHE B 127 6.46 -5.59 -6.21
C PHE B 127 7.11 -6.40 -5.10
N ALA B 128 6.32 -6.73 -4.07
CA ALA B 128 6.79 -7.52 -2.94
C ALA B 128 7.20 -8.92 -3.39
N HIS B 129 8.25 -9.46 -2.80
CA HIS B 129 8.73 -10.79 -3.15
C HIS B 129 7.70 -11.84 -2.74
N ARG B 130 7.34 -12.68 -3.71
CA ARG B 130 6.49 -13.85 -3.47
C ARG B 130 7.26 -15.17 -3.49
N LEU B 131 8.45 -15.17 -4.10
CA LEU B 131 9.23 -16.39 -4.29
C LEU B 131 9.85 -16.86 -2.97
N SER B 132 9.65 -18.14 -2.67
CA SER B 132 10.04 -18.72 -1.39
C SER B 132 11.55 -18.89 -1.26
N ALA B 133 12.02 -18.94 -0.01
CA ALA B 133 13.45 -19.03 0.34
C ALA B 133 14.26 -17.84 -0.19
N PHE B 134 13.69 -16.78 -0.57
CA PHE B 134 14.47 -15.61 -0.98
C PHE B 134 15.48 -16.13 -2.01
N GLN B 135 14.89 -16.75 -3.09
CA GLN B 135 15.63 -17.79 -3.86
C GLN B 135 16.47 -17.21 -4.99
N ARG B 136 17.41 -18.04 -5.43
CA ARG B 136 18.21 -17.82 -6.63
C ARG B 136 17.40 -17.52 -7.90
N VAL B 137 17.05 -16.25 -8.05
CA VAL B 137 16.62 -15.69 -9.33
C VAL B 137 17.92 -15.52 -10.13
N ASP B 138 18.14 -16.40 -11.10
CA ASP B 138 19.42 -16.44 -11.84
C ASP B 138 19.33 -16.08 -13.32
N THR B 139 18.13 -15.76 -13.82
CA THR B 139 17.94 -15.53 -15.26
C THR B 139 16.99 -14.36 -15.57
N LEU B 140 17.39 -13.54 -16.55
CA LEU B 140 16.54 -12.50 -17.13
C LEU B 140 16.10 -12.94 -18.52
N GLU B 141 14.77 -13.01 -18.72
CA GLU B 141 14.19 -13.33 -20.02
C GLU B 141 13.36 -12.13 -20.49
N ILE B 142 13.59 -11.69 -21.73
CA ILE B 142 12.77 -10.64 -22.36
C ILE B 142 12.26 -11.20 -23.69
N GLN B 143 10.95 -11.18 -23.88
CA GLN B 143 10.29 -11.80 -25.04
C GLN B 143 9.14 -10.96 -25.56
N GLY B 144 8.71 -11.26 -26.79
CA GLY B 144 7.53 -10.62 -27.40
C GLY B 144 7.85 -9.38 -28.22
N ASP B 145 6.91 -8.44 -28.22
CA ASP B 145 6.95 -7.28 -29.12
C ASP B 145 7.71 -6.12 -28.49
N VAL B 146 9.02 -6.17 -28.60
CA VAL B 146 9.90 -5.12 -28.07
C VAL B 146 11.26 -5.19 -28.75
N THR B 147 11.86 -4.02 -28.97
CA THR B 147 13.20 -3.89 -29.53
C THR B 147 14.11 -3.28 -28.47
N LEU B 148 15.17 -4.01 -28.11
CA LEU B 148 16.07 -3.61 -27.03
C LEU B 148 17.31 -2.92 -27.61
N SER B 149 17.62 -1.74 -27.08
CA SER B 149 18.84 -1.02 -27.42
C SER B 149 19.99 -1.33 -26.45
N TYR B 150 19.66 -1.62 -25.19
CA TYR B 150 20.67 -1.78 -24.15
C TYR B 150 20.11 -2.55 -22.95
N VAL B 151 20.76 -3.67 -22.60
CA VAL B 151 20.41 -4.46 -21.41
C VAL B 151 21.66 -4.70 -20.57
N GLN B 152 21.70 -4.13 -19.36
CA GLN B 152 22.85 -4.27 -18.46
C GLN B 152 22.57 -5.25 -17.31
N ILE B 153 23.32 -6.34 -17.28
CA ILE B 153 23.32 -7.31 -16.18
C ILE B 153 24.41 -6.90 -15.19
N GLY C 14 14.05 -30.38 30.11
CA GLY C 14 12.80 -30.66 30.89
C GLY C 14 12.36 -29.48 31.74
N PRO C 15 12.93 -29.35 32.96
CA PRO C 15 12.50 -28.27 33.86
C PRO C 15 12.91 -26.88 33.37
N PRO C 16 12.19 -25.84 33.83
CA PRO C 16 12.48 -24.48 33.37
C PRO C 16 13.78 -23.91 33.94
N THR C 17 14.36 -22.97 33.21
CA THR C 17 15.52 -22.22 33.70
C THR C 17 15.02 -20.87 34.21
N PHE C 18 15.24 -20.61 35.50
CA PHE C 18 14.77 -19.39 36.15
C PHE C 18 15.81 -18.28 36.14
N ASN C 19 15.35 -17.06 35.86
CA ASN C 19 16.20 -15.85 35.78
C ASN C 19 17.48 -16.00 34.94
N PRO C 20 17.38 -16.61 33.74
CA PRO C 20 18.60 -16.80 32.94
C PRO C 20 19.16 -15.46 32.46
N PRO C 21 20.49 -15.26 32.56
CA PRO C 21 21.05 -13.96 32.21
C PRO C 21 21.05 -13.73 30.70
N VAL C 22 20.93 -12.46 30.32
CA VAL C 22 20.97 -12.04 28.92
C VAL C 22 22.38 -11.47 28.68
N PRO C 23 23.11 -11.92 27.66
CA PRO C 23 22.63 -12.80 26.59
C PRO C 23 22.50 -14.26 27.02
N TYR C 24 21.36 -14.86 26.69
CA TYR C 24 21.06 -16.26 26.99
C TYR C 24 21.32 -17.11 25.75
N PHE C 25 21.99 -18.25 25.94
CA PHE C 25 22.25 -19.22 24.87
C PHE C 25 21.68 -20.58 25.28
N GLY C 26 20.44 -20.82 24.89
CA GLY C 26 19.75 -22.07 25.18
C GLY C 26 20.06 -23.13 24.14
N ARG C 27 20.32 -24.34 24.59
CA ARG C 27 20.63 -25.47 23.70
C ARG C 27 19.40 -26.34 23.49
N LEU C 28 19.04 -26.52 22.21
CA LEU C 28 17.92 -27.37 21.82
C LEU C 28 18.43 -28.73 21.36
N GLN C 29 18.88 -29.53 22.33
CA GLN C 29 19.21 -30.95 22.07
C GLN C 29 17.90 -31.71 21.87
N GLY C 30 17.86 -32.52 20.81
CA GLY C 30 16.61 -32.99 20.22
C GLY C 30 16.37 -32.26 18.91
N GLY C 31 16.80 -30.99 18.85
CA GLY C 31 16.75 -30.17 17.64
C GLY C 31 15.49 -29.33 17.59
N LEU C 32 15.26 -28.71 16.45
CA LEU C 32 14.01 -28.01 16.18
C LEU C 32 12.97 -29.09 15.89
N THR C 33 12.05 -29.29 16.84
CA THR C 33 11.13 -30.44 16.85
C THR C 33 9.66 -29.99 16.81
N ALA C 34 8.93 -30.51 15.83
CA ALA C 34 7.52 -30.18 15.61
C ALA C 34 6.64 -30.59 16.79
N ARG C 35 5.57 -29.82 16.98
CA ARG C 35 4.55 -30.05 18.02
C ARG C 35 5.05 -29.84 19.47
N ARG C 36 6.19 -29.15 19.61
CA ARG C 36 6.76 -28.76 20.91
C ARG C 36 6.51 -27.26 21.07
N THR C 37 6.23 -26.84 22.30
CA THR C 37 6.03 -25.41 22.60
C THR C 37 7.06 -24.91 23.61
N ILE C 38 7.86 -23.95 23.17
CA ILE C 38 8.80 -23.23 24.03
C ILE C 38 8.05 -22.07 24.68
N ILE C 39 8.34 -21.80 25.95
CA ILE C 39 7.72 -20.68 26.67
C ILE C 39 8.79 -19.77 27.27
N ILE C 40 8.59 -18.46 27.13
CA ILE C 40 9.56 -17.43 27.55
C ILE C 40 8.82 -16.30 28.28
N LYS C 41 9.02 -16.21 29.60
CA LYS C 41 8.52 -15.08 30.41
C LYS C 41 9.62 -14.03 30.52
N GLY C 42 9.28 -12.78 30.21
CA GLY C 42 10.25 -11.70 30.30
C GLY C 42 9.65 -10.34 30.60
N TYR C 43 10.53 -9.36 30.64
CA TYR C 43 10.21 -7.97 30.98
C TYR C 43 11.07 -7.06 30.12
N VAL C 44 10.44 -6.06 29.51
CA VAL C 44 11.15 -5.04 28.71
C VAL C 44 11.46 -3.87 29.64
N PRO C 45 12.77 -3.57 29.89
CA PRO C 45 13.11 -2.36 30.64
C PRO C 45 12.43 -1.10 30.09
N PRO C 46 11.99 -0.17 30.98
CA PRO C 46 11.38 1.08 30.47
C PRO C 46 12.30 1.88 29.54
N THR C 47 13.61 1.75 29.75
CA THR C 47 14.64 2.31 28.86
C THR C 47 14.96 1.48 27.60
N GLY C 48 14.23 0.38 27.37
CA GLY C 48 14.56 -0.58 26.33
C GLY C 48 14.35 -0.03 24.92
N LYS C 49 15.21 -0.49 24.00
CA LYS C 49 15.19 -0.07 22.61
C LYS C 49 14.95 -1.25 21.67
N SER C 50 15.72 -2.32 21.85
CA SER C 50 15.50 -3.57 21.10
C SER C 50 15.93 -4.80 21.88
N PHE C 51 15.25 -5.91 21.62
CA PHE C 51 15.73 -7.24 22.00
C PHE C 51 15.36 -8.25 20.92
N ALA C 52 16.06 -9.38 20.91
CA ALA C 52 15.94 -10.36 19.83
C ALA C 52 15.90 -11.78 20.36
N ILE C 53 15.00 -12.58 19.79
CA ILE C 53 14.89 -14.02 20.07
C ILE C 53 15.22 -14.73 18.76
N ASN C 54 16.34 -15.45 18.73
CA ASN C 54 16.82 -16.11 17.51
C ASN C 54 16.81 -17.62 17.63
N PHE C 55 16.16 -18.27 16.66
CA PHE C 55 16.25 -19.71 16.46
C PHE C 55 17.38 -19.91 15.46
N LYS C 56 18.54 -20.32 15.97
CA LYS C 56 19.80 -20.26 15.24
C LYS C 56 20.46 -21.63 15.07
N VAL C 57 21.14 -21.81 13.94
CA VAL C 57 21.93 -23.03 13.67
C VAL C 57 23.34 -22.73 14.19
N GLY C 58 23.72 -23.45 15.25
CA GLY C 58 25.04 -23.27 15.87
C GLY C 58 26.23 -23.62 14.99
N SER C 59 26.01 -24.48 13.99
CA SER C 59 27.03 -24.83 13.00
C SER C 59 27.38 -23.65 12.09
N SER C 60 26.40 -23.20 11.31
CA SER C 60 26.58 -22.14 10.33
C SER C 60 26.54 -20.73 10.91
N GLY C 61 25.82 -20.54 12.02
CA GLY C 61 25.60 -19.21 12.60
C GLY C 61 24.57 -18.42 11.78
N ASP C 62 23.57 -19.17 11.30
CA ASP C 62 22.43 -18.70 10.51
C ASP C 62 21.15 -18.75 11.33
N ILE C 63 20.14 -17.97 10.95
CA ILE C 63 18.93 -17.83 11.78
C ILE C 63 17.65 -18.22 11.04
N ALA C 64 16.92 -19.21 11.59
CA ALA C 64 15.67 -19.70 11.01
C ALA C 64 14.51 -18.74 11.25
N LEU C 65 14.43 -18.24 12.49
CA LEU C 65 13.47 -17.19 12.85
C LEU C 65 14.15 -16.19 13.77
N HIS C 66 14.07 -14.92 13.38
CA HIS C 66 14.56 -13.77 14.16
C HIS C 66 13.33 -13.01 14.62
N ILE C 67 13.06 -13.00 15.94
CA ILE C 67 11.93 -12.23 16.50
C ILE C 67 12.49 -11.03 17.24
N ASN C 68 12.23 -9.84 16.72
CA ASN C 68 12.91 -8.62 17.12
C ASN C 68 11.91 -7.49 17.42
N PRO C 69 11.35 -7.48 18.64
CA PRO C 69 10.59 -6.32 19.09
C PRO C 69 11.47 -5.08 19.21
N ARG C 70 10.95 -3.93 18.78
CA ARG C 70 11.65 -2.66 18.83
C ARG C 70 10.75 -1.62 19.50
N MET C 71 11.19 -1.11 20.65
CA MET C 71 10.38 -0.19 21.46
C MET C 71 10.21 1.19 20.81
N GLY C 72 11.24 1.67 20.12
CA GLY C 72 11.18 2.96 19.42
C GLY C 72 10.06 3.05 18.40
N ASN C 73 9.79 1.91 17.75
CA ASN C 73 8.78 1.76 16.71
C ASN C 73 7.47 1.08 17.14
N GLY C 74 7.51 0.32 18.24
CA GLY C 74 6.43 -0.60 18.59
C GLY C 74 6.17 -1.63 17.50
N THR C 75 7.25 -2.12 16.91
CA THR C 75 7.16 -3.15 15.87
C THR C 75 7.64 -4.48 16.41
N VAL C 76 7.20 -5.55 15.77
CA VAL C 76 7.68 -6.90 16.05
C VAL C 76 8.14 -7.48 14.72
N VAL C 77 9.42 -7.28 14.42
CA VAL C 77 10.00 -7.65 13.13
C VAL C 77 10.41 -9.12 13.16
N ARG C 78 10.04 -9.85 12.10
CA ARG C 78 10.50 -11.22 11.89
C ARG C 78 11.23 -11.36 10.57
N ASN C 79 12.28 -12.17 10.57
CA ASN C 79 13.07 -12.44 9.38
C ASN C 79 13.88 -13.72 9.56
N SER C 80 14.49 -14.15 8.46
CA SER C 80 15.46 -15.24 8.46
C SER C 80 16.80 -14.69 7.95
N LEU C 81 17.88 -15.05 8.64
CA LEU C 81 19.24 -14.76 8.18
C LEU C 81 19.78 -16.01 7.50
N LEU C 82 19.86 -15.95 6.16
CA LEU C 82 20.33 -17.08 5.35
C LEU C 82 21.55 -16.63 4.53
N ASN C 83 22.69 -17.30 4.75
CA ASN C 83 23.97 -16.95 4.11
C ASN C 83 24.49 -15.57 4.51
N GLY C 84 24.31 -15.21 5.78
CA GLY C 84 24.66 -13.88 6.29
C GLY C 84 23.88 -12.73 5.67
N SER C 85 22.70 -13.03 5.12
CA SER C 85 21.86 -12.06 4.42
C SER C 85 20.42 -12.20 4.90
N TRP C 86 19.81 -11.07 5.24
CA TRP C 86 18.40 -11.04 5.65
C TRP C 86 17.48 -11.22 4.45
N GLY C 87 16.31 -11.81 4.70
CA GLY C 87 15.26 -11.95 3.69
C GLY C 87 14.28 -10.79 3.75
N SER C 88 13.04 -11.04 3.36
CA SER C 88 11.97 -10.06 3.49
C SER C 88 11.40 -10.06 4.91
N GLU C 89 11.08 -8.87 5.42
CA GLU C 89 10.52 -8.72 6.77
C GLU C 89 9.02 -9.03 6.82
N GLU C 90 8.60 -9.58 7.96
CA GLU C 90 7.18 -9.74 8.29
C GLU C 90 6.90 -8.99 9.59
N LYS C 91 5.97 -8.03 9.51
CA LYS C 91 5.68 -7.10 10.61
C LYS C 91 4.22 -7.04 11.08
N LYS C 92 3.31 -7.71 10.38
CA LYS C 92 1.88 -7.67 10.71
C LYS C 92 1.61 -8.26 12.09
N ILE C 93 0.80 -7.56 12.89
CA ILE C 93 0.38 -7.98 14.22
C ILE C 93 -1.02 -7.44 14.52
N THR C 94 -1.74 -8.11 15.41
CA THR C 94 -2.99 -7.61 15.99
C THR C 94 -2.78 -6.92 17.35
N HIS C 95 -1.59 -7.09 17.93
CA HIS C 95 -1.20 -6.36 19.14
C HIS C 95 0.31 -6.41 19.38
N ASN C 96 0.78 -5.46 20.18
CA ASN C 96 2.17 -5.36 20.60
C ASN C 96 2.29 -5.56 22.12
N PRO C 97 2.70 -6.76 22.57
CA PRO C 97 2.89 -7.02 24.01
C PRO C 97 4.25 -6.59 24.59
N PHE C 98 5.10 -5.94 23.79
CA PHE C 98 6.47 -5.61 24.20
C PHE C 98 6.72 -4.12 24.44
N GLY C 99 5.70 -3.43 24.96
CA GLY C 99 5.86 -2.02 25.32
C GLY C 99 6.79 -1.88 26.52
N PRO C 100 7.59 -0.79 26.58
CA PRO C 100 8.46 -0.52 27.73
C PRO C 100 7.74 -0.63 29.07
N GLY C 101 8.37 -1.32 30.02
CA GLY C 101 7.80 -1.56 31.35
C GLY C 101 6.82 -2.71 31.48
N GLN C 102 6.54 -3.42 30.38
CA GLN C 102 5.54 -4.50 30.38
C GLN C 102 6.20 -5.86 30.58
N PHE C 103 5.48 -6.75 31.25
CA PHE C 103 5.83 -8.17 31.33
C PHE C 103 5.10 -8.91 30.23
N PHE C 104 5.79 -9.84 29.57
CA PHE C 104 5.19 -10.65 28.53
C PHE C 104 5.37 -12.14 28.83
N ASP C 105 4.35 -12.92 28.47
CA ASP C 105 4.35 -14.37 28.59
C ASP C 105 4.27 -14.92 27.18
N LEU C 106 5.43 -15.21 26.60
CA LEU C 106 5.53 -15.59 25.18
C LEU C 106 5.55 -17.11 25.05
N SER C 107 4.87 -17.62 24.02
CA SER C 107 4.89 -19.04 23.69
C SER C 107 5.15 -19.21 22.20
N ILE C 108 6.00 -20.17 21.85
CA ILE C 108 6.38 -20.45 20.47
C ILE C 108 6.22 -21.95 20.19
N ARG C 109 5.16 -22.31 19.48
CA ARG C 109 4.94 -23.69 19.07
C ARG C 109 5.57 -23.91 17.70
N CYS C 110 6.50 -24.85 17.63
CA CYS C 110 7.09 -25.27 16.36
CA CYS C 110 7.10 -25.27 16.37
C CYS C 110 6.12 -26.21 15.63
N GLY C 111 5.72 -25.81 14.43
CA GLY C 111 4.87 -26.64 13.57
C GLY C 111 5.69 -27.26 12.45
N LEU C 112 5.02 -28.06 11.62
CA LEU C 112 5.67 -28.69 10.46
C LEU C 112 5.86 -27.68 9.32
N ASP C 113 4.91 -26.74 9.22
CA ASP C 113 4.93 -25.67 8.19
C ASP C 113 5.33 -24.29 8.73
N ARG C 114 4.92 -23.96 9.96
CA ARG C 114 5.21 -22.64 10.56
C ARG C 114 5.43 -22.67 12.08
N PHE C 115 6.20 -21.69 12.55
CA PHE C 115 6.21 -21.32 13.95
C PHE C 115 4.88 -20.61 14.23
N LYS C 116 4.21 -20.98 15.32
CA LYS C 116 3.05 -20.25 15.80
C LYS C 116 3.43 -19.58 17.11
N VAL C 117 3.26 -18.26 17.19
CA VAL C 117 3.68 -17.48 18.35
C VAL C 117 2.48 -16.80 19.02
N TYR C 118 2.37 -16.98 20.33
CA TYR C 118 1.35 -16.33 21.15
C TYR C 118 2.01 -15.51 22.26
N ALA C 119 1.32 -14.45 22.68
CA ALA C 119 1.75 -13.62 23.80
C ALA C 119 0.57 -13.45 24.74
N ASN C 120 0.78 -13.78 26.02
CA ASN C 120 -0.28 -13.75 27.04
C ASN C 120 -1.53 -14.55 26.62
N GLY C 121 -1.31 -15.68 25.93
CA GLY C 121 -2.39 -16.53 25.42
C GLY C 121 -3.14 -16.06 24.17
N GLN C 122 -2.79 -14.88 23.66
CA GLN C 122 -3.39 -14.33 22.45
C GLN C 122 -2.46 -14.60 21.28
N HIS C 123 -3.02 -14.95 20.12
CA HIS C 123 -2.22 -15.18 18.92
C HIS C 123 -1.54 -13.90 18.47
N LEU C 124 -0.22 -13.99 18.22
CA LEU C 124 0.58 -12.84 17.80
C LEU C 124 0.86 -12.91 16.30
N PHE C 125 1.54 -13.97 15.86
CA PHE C 125 1.82 -14.19 14.43
C PHE C 125 2.13 -15.64 14.10
N ASP C 126 2.10 -15.93 12.80
CA ASP C 126 2.62 -17.17 12.22
C ASP C 126 3.81 -16.82 11.34
N PHE C 127 4.80 -17.70 11.29
CA PHE C 127 5.98 -17.51 10.44
C PHE C 127 6.34 -18.82 9.75
N ALA C 128 6.01 -18.90 8.46
CA ALA C 128 6.32 -20.07 7.63
C ALA C 128 7.82 -20.32 7.60
N HIS C 129 8.21 -21.58 7.68
CA HIS C 129 9.62 -21.97 7.67
C HIS C 129 10.25 -21.55 6.33
N ARG C 130 11.35 -20.80 6.42
CA ARG C 130 12.19 -20.48 5.26
C ARG C 130 13.46 -21.32 5.19
N LEU C 131 13.84 -21.96 6.29
CA LEU C 131 15.05 -22.75 6.37
C LEU C 131 14.75 -24.19 5.94
N SER C 132 15.67 -24.78 5.18
CA SER C 132 15.58 -26.18 4.81
C SER C 132 15.78 -27.03 6.06
N ALA C 133 14.93 -28.04 6.22
CA ALA C 133 14.96 -28.95 7.38
C ALA C 133 14.46 -28.26 8.65
N PHE C 134 14.67 -28.95 9.72
CA PHE C 134 14.29 -28.53 11.05
C PHE C 134 15.42 -28.73 12.01
N GLN C 135 15.97 -29.93 11.89
CA GLN C 135 16.91 -30.52 12.84
C GLN C 135 18.10 -29.64 13.16
N ARG C 136 18.53 -28.92 12.15
CA ARG C 136 19.68 -28.06 12.22
C ARG C 136 19.55 -26.98 13.24
N VAL C 137 18.40 -26.44 13.35
CA VAL C 137 18.32 -25.37 14.35
C VAL C 137 18.47 -25.99 15.74
N ASP C 138 19.51 -25.58 16.45
CA ASP C 138 19.85 -26.16 17.77
C ASP C 138 20.25 -25.11 18.83
N THR C 139 19.89 -23.85 18.61
CA THR C 139 20.24 -22.76 19.50
C THR C 139 19.09 -21.78 19.63
N LEU C 140 18.60 -21.59 20.85
CA LEU C 140 17.70 -20.49 21.19
C LEU C 140 18.54 -19.39 21.81
N GLU C 141 18.71 -18.29 21.09
CA GLU C 141 19.53 -17.17 21.51
C GLU C 141 18.63 -15.99 21.84
N ILE C 142 18.77 -15.43 23.04
CA ILE C 142 18.03 -14.24 23.45
C ILE C 142 19.05 -13.17 23.88
N GLN C 143 18.95 -11.99 23.27
CA GLN C 143 19.87 -10.88 23.55
C GLN C 143 19.16 -9.53 23.51
N GLY C 144 19.85 -8.51 24.01
CA GLY C 144 19.39 -7.13 23.94
C GLY C 144 18.73 -6.62 25.20
N ASP C 145 17.80 -5.67 25.05
CA ASP C 145 17.17 -4.96 26.15
C ASP C 145 15.95 -5.71 26.67
N VAL C 146 16.23 -6.80 27.40
CA VAL C 146 15.19 -7.64 27.99
C VAL C 146 15.79 -8.38 29.19
N THR C 147 14.97 -8.56 30.23
CA THR C 147 15.30 -9.43 31.35
C THR C 147 14.36 -10.62 31.31
N LEU C 148 14.93 -11.82 31.40
CA LEU C 148 14.17 -13.05 31.40
C LEU C 148 13.95 -13.51 32.83
N SER C 149 12.71 -13.85 33.16
CA SER C 149 12.38 -14.49 34.44
C SER C 149 12.24 -16.01 34.34
N TYR C 150 12.05 -16.53 33.13
CA TYR C 150 11.69 -17.94 32.95
C TYR C 150 11.81 -18.34 31.47
N VAL C 151 12.55 -19.42 31.21
CA VAL C 151 12.58 -20.08 29.90
C VAL C 151 12.40 -21.59 30.11
N GLN C 152 11.55 -22.20 29.30
CA GLN C 152 11.37 -23.65 29.31
C GLN C 152 11.11 -24.17 27.91
N ILE C 153 11.72 -25.31 27.61
CA ILE C 153 11.67 -25.95 26.29
C ILE C 153 11.03 -27.33 26.45
N GLY D 14 -31.42 13.59 -24.23
CA GLY D 14 -31.71 13.64 -25.70
C GLY D 14 -30.92 12.61 -26.50
N PRO D 15 -30.97 12.71 -27.84
CA PRO D 15 -30.19 11.81 -28.68
C PRO D 15 -28.71 12.19 -28.69
N PRO D 16 -27.83 11.28 -29.15
CA PRO D 16 -26.41 11.58 -29.22
C PRO D 16 -26.08 12.65 -30.28
N THR D 17 -24.93 13.29 -30.10
CA THR D 17 -24.35 14.17 -31.11
C THR D 17 -23.29 13.35 -31.84
N PHE D 18 -23.44 13.24 -33.16
CA PHE D 18 -22.53 12.44 -33.99
C PHE D 18 -21.42 13.31 -34.60
N ASN D 19 -20.19 12.83 -34.47
CA ASN D 19 -18.99 13.52 -34.96
C ASN D 19 -18.90 15.00 -34.56
N PRO D 20 -19.07 15.30 -33.26
CA PRO D 20 -18.95 16.70 -32.85
C PRO D 20 -17.52 17.20 -33.06
N PRO D 21 -17.36 18.43 -33.59
CA PRO D 21 -16.01 18.94 -33.84
C PRO D 21 -15.30 19.35 -32.55
N VAL D 22 -13.98 19.21 -32.57
CA VAL D 22 -13.12 19.67 -31.47
C VAL D 22 -12.58 21.05 -31.90
N PRO D 23 -12.64 22.08 -31.04
CA PRO D 23 -13.13 21.99 -29.66
C PRO D 23 -14.65 21.89 -29.54
N TYR D 24 -15.11 21.03 -28.63
CA TYR D 24 -16.53 20.80 -28.39
C TYR D 24 -16.96 21.54 -27.14
N PHE D 25 -18.18 22.08 -27.17
CA PHE D 25 -18.79 22.75 -26.01
C PHE D 25 -20.24 22.31 -25.89
N GLY D 26 -20.44 21.21 -25.17
CA GLY D 26 -21.78 20.67 -24.92
C GLY D 26 -22.43 21.34 -23.72
N ARG D 27 -23.74 21.55 -23.80
CA ARG D 27 -24.51 22.24 -22.76
C ARG D 27 -25.32 21.23 -21.94
N LEU D 28 -24.92 21.02 -20.69
CA LEU D 28 -25.62 20.08 -19.80
C LEU D 28 -26.99 20.62 -19.38
N GLN D 29 -28.04 19.97 -19.89
CA GLN D 29 -29.46 20.20 -19.52
C GLN D 29 -29.69 20.53 -18.03
N GLY D 30 -29.84 21.82 -17.76
CA GLY D 30 -30.16 22.33 -16.41
C GLY D 30 -29.18 21.95 -15.32
N GLY D 31 -27.89 21.88 -15.66
CA GLY D 31 -26.84 21.52 -14.72
C GLY D 31 -26.56 20.03 -14.65
N LEU D 32 -25.46 19.70 -13.98
CA LEU D 32 -24.98 18.32 -13.85
C LEU D 32 -25.88 17.55 -12.88
N THR D 33 -26.50 16.48 -13.37
CA THR D 33 -27.46 15.69 -12.58
C THR D 33 -26.80 14.39 -12.10
N ALA D 34 -26.99 14.08 -10.83
CA ALA D 34 -26.48 12.83 -10.25
C ALA D 34 -27.22 11.62 -10.82
N ARG D 35 -26.51 10.49 -10.87
CA ARG D 35 -27.02 9.20 -11.38
C ARG D 35 -27.29 9.13 -12.91
N ARG D 36 -26.91 10.18 -13.63
CA ARG D 36 -26.89 10.17 -15.09
C ARG D 36 -25.47 9.90 -15.56
N THR D 37 -25.35 9.30 -16.74
CA THR D 37 -24.06 8.86 -17.27
C THR D 37 -23.82 9.46 -18.66
N ILE D 38 -22.68 10.15 -18.81
CA ILE D 38 -22.25 10.71 -20.10
C ILE D 38 -21.45 9.63 -20.84
N ILE D 39 -21.66 9.55 -22.16
CA ILE D 39 -20.89 8.67 -23.03
C ILE D 39 -20.10 9.53 -24.01
N ILE D 40 -18.82 9.23 -24.16
CA ILE D 40 -17.94 9.90 -25.12
C ILE D 40 -17.11 8.84 -25.83
N LYS D 41 -17.28 8.70 -27.14
CA LYS D 41 -16.42 7.85 -27.97
C LYS D 41 -15.52 8.75 -28.79
N GLY D 42 -14.22 8.44 -28.80
CA GLY D 42 -13.26 9.21 -29.56
C GLY D 42 -12.05 8.43 -30.00
N TYR D 43 -11.12 9.15 -30.62
CA TYR D 43 -9.93 8.59 -31.21
C TYR D 43 -8.76 9.51 -30.90
N VAL D 44 -7.65 8.94 -30.46
CA VAL D 44 -6.42 9.67 -30.20
C VAL D 44 -5.54 9.52 -31.44
N PRO D 45 -5.25 10.64 -32.16
CA PRO D 45 -4.31 10.57 -33.29
C PRO D 45 -2.95 10.01 -32.88
N PRO D 46 -2.24 9.32 -33.82
CA PRO D 46 -0.89 8.83 -33.49
C PRO D 46 0.12 9.93 -33.11
N THR D 47 -0.07 11.12 -33.66
CA THR D 47 0.79 12.29 -33.36
C THR D 47 0.21 13.24 -32.31
N GLY D 48 -0.80 12.79 -31.57
CA GLY D 48 -1.38 13.57 -30.47
C GLY D 48 -0.43 13.62 -29.28
N LYS D 49 -0.56 14.69 -28.50
CA LYS D 49 0.22 14.88 -27.27
C LYS D 49 -0.65 15.03 -26.03
N SER D 50 -1.77 15.75 -26.16
CA SER D 50 -2.69 15.99 -25.06
C SER D 50 -4.09 16.27 -25.58
N PHE D 51 -5.10 15.83 -24.82
CA PHE D 51 -6.46 16.36 -24.93
C PHE D 51 -7.07 16.44 -23.55
N ALA D 52 -8.15 17.21 -23.43
CA ALA D 52 -8.77 17.46 -22.12
C ALA D 52 -10.28 17.37 -22.20
N ILE D 53 -10.88 16.73 -21.19
CA ILE D 53 -12.34 16.73 -20.99
C ILE D 53 -12.58 17.50 -19.68
N ASN D 54 -13.39 18.55 -19.77
CA ASN D 54 -13.67 19.43 -18.63
C ASN D 54 -15.15 19.50 -18.27
N PHE D 55 -15.44 19.26 -16.99
CA PHE D 55 -16.77 19.51 -16.43
C PHE D 55 -16.73 20.89 -15.80
N LYS D 56 -17.34 21.83 -16.50
CA LYS D 56 -17.08 23.26 -16.31
C LYS D 56 -18.34 24.00 -15.88
N VAL D 57 -18.19 24.88 -14.89
CA VAL D 57 -19.25 25.84 -14.56
C VAL D 57 -19.01 27.07 -15.45
N GLY D 58 -19.83 27.18 -16.50
CA GLY D 58 -19.68 28.20 -17.53
C GLY D 58 -19.68 29.65 -17.06
N SER D 59 -20.40 29.93 -15.98
CA SER D 59 -20.51 31.29 -15.45
C SER D 59 -19.19 31.82 -14.88
N SER D 60 -18.56 31.05 -14.00
CA SER D 60 -17.28 31.41 -13.37
C SER D 60 -16.05 30.97 -14.17
N GLY D 61 -16.16 29.80 -14.81
CA GLY D 61 -15.03 29.20 -15.54
C GLY D 61 -14.22 28.21 -14.73
N ASP D 62 -14.69 27.86 -13.54
CA ASP D 62 -14.06 26.81 -12.72
C ASP D 62 -14.35 25.43 -13.32
N ILE D 63 -13.41 24.51 -13.09
CA ILE D 63 -13.50 23.15 -13.63
C ILE D 63 -13.64 22.19 -12.44
N ALA D 64 -14.81 21.57 -12.32
CA ALA D 64 -15.07 20.59 -11.28
C ALA D 64 -14.25 19.30 -11.48
N LEU D 65 -14.09 18.91 -12.74
CA LEU D 65 -13.28 17.74 -13.11
C LEU D 65 -12.59 17.99 -14.45
N HIS D 66 -11.26 17.97 -14.41
CA HIS D 66 -10.40 18.15 -15.58
C HIS D 66 -9.73 16.80 -15.84
N ILE D 67 -10.06 16.17 -16.98
CA ILE D 67 -9.49 14.87 -17.34
C ILE D 67 -8.54 15.10 -18.52
N ASN D 68 -7.25 14.84 -18.30
CA ASN D 68 -6.19 15.22 -19.26
C ASN D 68 -5.24 14.06 -19.56
N PRO D 69 -5.62 13.19 -20.53
CA PRO D 69 -4.66 12.19 -20.99
C PRO D 69 -3.48 12.82 -21.74
N ARG D 70 -2.26 12.41 -21.35
CA ARG D 70 -1.03 12.87 -21.98
C ARG D 70 -0.26 11.64 -22.47
N MET D 71 -0.10 11.55 -23.79
CA MET D 71 0.50 10.35 -24.41
C MET D 71 2.03 10.38 -24.44
N GLY D 72 2.63 11.53 -24.15
CA GLY D 72 4.08 11.64 -23.93
C GLY D 72 4.53 10.90 -22.67
N ASN D 73 3.73 11.02 -21.61
CA ASN D 73 3.91 10.27 -20.36
C ASN D 73 3.11 8.97 -20.27
N GLY D 74 2.04 8.87 -21.06
CA GLY D 74 1.04 7.82 -20.89
C GLY D 74 0.34 7.97 -19.54
N THR D 75 -0.02 9.21 -19.21
CA THR D 75 -0.70 9.54 -17.96
C THR D 75 -2.12 10.00 -18.24
N VAL D 76 -2.99 9.80 -17.26
CA VAL D 76 -4.34 10.34 -17.24
C VAL D 76 -4.46 11.22 -16.00
N VAL D 77 -4.27 12.52 -16.19
CA VAL D 77 -4.24 13.48 -15.08
C VAL D 77 -5.64 13.97 -14.78
N ARG D 78 -6.03 13.88 -13.51
CA ARG D 78 -7.28 14.47 -13.01
C ARG D 78 -6.97 15.58 -12.02
N ASN D 79 -7.72 16.68 -12.11
CA ASN D 79 -7.58 17.81 -11.21
C ASN D 79 -8.83 18.69 -11.26
N SER D 80 -8.92 19.63 -10.33
CA SER D 80 -9.95 20.67 -10.34
C SER D 80 -9.29 22.05 -10.41
N LEU D 81 -9.98 23.00 -11.02
CA LEU D 81 -9.54 24.38 -11.13
C LEU D 81 -10.58 25.25 -10.42
N LEU D 82 -10.26 25.65 -9.19
CA LEU D 82 -11.18 26.40 -8.33
C LEU D 82 -10.54 27.72 -7.91
N ASN D 83 -11.25 28.82 -8.16
CA ASN D 83 -10.76 30.18 -7.92
C ASN D 83 -9.44 30.49 -8.65
N GLY D 84 -9.32 29.99 -9.88
CA GLY D 84 -8.14 30.20 -10.72
C GLY D 84 -6.87 29.47 -10.32
N SER D 85 -7.00 28.44 -9.47
CA SER D 85 -5.85 27.70 -8.94
C SER D 85 -6.10 26.19 -9.02
N TRP D 86 -5.14 25.45 -9.58
CA TRP D 86 -5.20 23.99 -9.64
C TRP D 86 -4.95 23.39 -8.26
N GLY D 87 -5.64 22.28 -7.98
CA GLY D 87 -5.44 21.51 -6.75
C GLY D 87 -4.40 20.42 -6.96
N SER D 88 -4.51 19.35 -6.18
CA SER D 88 -3.63 18.19 -6.31
C SER D 88 -4.01 17.35 -7.52
N GLU D 89 -3.00 16.79 -8.18
CA GLU D 89 -3.21 15.89 -9.32
C GLU D 89 -3.42 14.46 -8.85
N GLU D 90 -4.38 13.78 -9.47
CA GLU D 90 -4.61 12.35 -9.27
C GLU D 90 -4.28 11.64 -10.59
N LYS D 91 -3.33 10.71 -10.53
CA LYS D 91 -2.84 9.97 -11.70
C LYS D 91 -3.07 8.46 -11.65
N LYS D 92 -3.54 7.95 -10.51
CA LYS D 92 -3.59 6.49 -10.30
C LYS D 92 -4.59 5.84 -11.26
N ILE D 93 -4.14 4.77 -11.92
CA ILE D 93 -4.94 4.01 -12.89
C ILE D 93 -4.49 2.56 -12.88
N THR D 94 -5.38 1.65 -13.28
CA THR D 94 -5.01 0.24 -13.52
C THR D 94 -4.84 -0.05 -15.02
N HIS D 95 -5.22 0.90 -15.88
CA HIS D 95 -5.02 0.77 -17.32
C HIS D 95 -5.08 2.14 -18.00
N ASN D 96 -4.45 2.23 -19.18
CA ASN D 96 -4.48 3.44 -20.02
C ASN D 96 -5.14 3.10 -21.36
N PRO D 97 -6.37 3.60 -21.60
CA PRO D 97 -7.06 3.41 -22.87
C PRO D 97 -6.79 4.51 -23.91
N PHE D 98 -5.94 5.47 -23.58
CA PHE D 98 -5.70 6.64 -24.44
C PHE D 98 -4.35 6.56 -25.20
N GLY D 99 -3.99 5.37 -25.67
CA GLY D 99 -2.76 5.19 -26.44
C GLY D 99 -2.85 5.89 -27.79
N PRO D 100 -1.70 6.27 -28.38
CA PRO D 100 -1.74 6.88 -29.72
C PRO D 100 -2.24 5.90 -30.79
N GLY D 101 -3.09 6.39 -31.69
CA GLY D 101 -3.72 5.56 -32.72
C GLY D 101 -4.87 4.71 -32.22
N GLN D 102 -5.39 5.01 -31.03
CA GLN D 102 -6.37 4.16 -30.34
C GLN D 102 -7.75 4.83 -30.28
N PHE D 103 -8.79 4.00 -30.40
CA PHE D 103 -10.16 4.40 -30.14
C PHE D 103 -10.48 4.10 -28.68
N PHE D 104 -11.26 4.97 -28.04
CA PHE D 104 -11.73 4.77 -26.66
C PHE D 104 -13.23 4.99 -26.56
N ASP D 105 -13.88 4.23 -25.68
CA ASP D 105 -15.30 4.37 -25.36
C ASP D 105 -15.43 4.76 -23.90
N LEU D 106 -15.49 6.06 -23.65
CA LEU D 106 -15.48 6.60 -22.30
C LEU D 106 -16.91 6.75 -21.78
N SER D 107 -17.07 6.49 -20.48
CA SER D 107 -18.34 6.78 -19.80
C SER D 107 -18.05 7.45 -18.47
N ILE D 108 -18.89 8.42 -18.12
CA ILE D 108 -18.69 9.25 -16.92
C ILE D 108 -20.02 9.34 -16.18
N ARG D 109 -20.15 8.54 -15.11
CA ARG D 109 -21.33 8.58 -14.26
C ARG D 109 -21.11 9.61 -13.16
N CYS D 110 -22.06 10.51 -13.01
CA CYS D 110 -22.01 11.52 -11.97
C CYS D 110 -22.77 10.99 -10.76
N GLY D 111 -22.07 10.86 -9.64
CA GLY D 111 -22.66 10.34 -8.40
C GLY D 111 -22.80 11.40 -7.33
N LEU D 112 -23.47 11.05 -6.23
CA LEU D 112 -23.67 11.94 -5.07
C LEU D 112 -22.35 12.48 -4.53
N ASP D 113 -21.37 11.60 -4.38
CA ASP D 113 -20.06 11.95 -3.80
C ASP D 113 -18.87 11.92 -4.78
N ARG D 114 -19.08 11.44 -6.00
CA ARG D 114 -17.97 11.25 -6.95
C ARG D 114 -18.40 11.22 -8.41
N PHE D 115 -17.45 11.50 -9.29
CA PHE D 115 -17.52 11.07 -10.69
C PHE D 115 -17.00 9.65 -10.75
N LYS D 116 -17.71 8.79 -11.48
CA LYS D 116 -17.28 7.41 -11.72
C LYS D 116 -17.02 7.23 -13.22
N VAL D 117 -15.75 7.03 -13.58
CA VAL D 117 -15.31 7.07 -14.98
C VAL D 117 -14.82 5.69 -15.45
N TYR D 118 -15.37 5.22 -16.56
CA TYR D 118 -14.99 3.93 -17.18
C TYR D 118 -14.50 4.14 -18.60
N ALA D 119 -13.59 3.27 -19.03
CA ALA D 119 -13.13 3.23 -20.42
C ALA D 119 -13.27 1.81 -20.95
N ASN D 120 -13.98 1.66 -22.06
CA ASN D 120 -14.18 0.37 -22.74
C ASN D 120 -14.78 -0.71 -21.83
N GLY D 121 -15.75 -0.30 -21.02
CA GLY D 121 -16.40 -1.20 -20.06
C GLY D 121 -15.68 -1.42 -18.73
N GLN D 122 -14.45 -0.94 -18.61
CA GLN D 122 -13.58 -1.21 -17.46
C GLN D 122 -13.38 0.06 -16.63
N HIS D 123 -13.43 -0.08 -15.31
CA HIS D 123 -13.29 1.05 -14.40
C HIS D 123 -11.91 1.69 -14.55
N LEU D 124 -11.89 3.01 -14.73
CA LEU D 124 -10.65 3.77 -14.93
C LEU D 124 -10.27 4.54 -13.67
N PHE D 125 -11.16 5.40 -13.20
CA PHE D 125 -10.97 6.09 -11.91
C PHE D 125 -12.28 6.58 -11.31
N ASP D 126 -12.25 6.80 -10.00
CA ASP D 126 -13.22 7.65 -9.32
C ASP D 126 -12.53 8.98 -9.04
N PHE D 127 -13.32 10.05 -8.96
CA PHE D 127 -12.82 11.37 -8.60
C PHE D 127 -13.81 12.01 -7.65
N ALA D 128 -13.39 12.22 -6.40
CA ALA D 128 -14.24 12.83 -5.38
C ALA D 128 -14.57 14.27 -5.72
N HIS D 129 -15.81 14.68 -5.46
CA HIS D 129 -16.23 16.06 -5.71
C HIS D 129 -15.45 17.02 -4.82
N ARG D 130 -14.68 17.90 -5.45
CA ARG D 130 -13.98 18.99 -4.77
C ARG D 130 -14.84 20.25 -4.78
N LEU D 131 -15.47 20.53 -5.92
CA LEU D 131 -16.57 21.49 -6.02
C LEU D 131 -17.86 20.68 -5.78
N SER D 132 -18.29 20.65 -4.52
CA SER D 132 -19.42 19.81 -4.10
C SER D 132 -20.77 20.22 -4.71
N ALA D 133 -20.98 21.53 -4.91
CA ALA D 133 -22.19 22.03 -5.55
C ALA D 133 -22.16 21.79 -7.06
N PHE D 134 -22.33 20.52 -7.44
CA PHE D 134 -22.24 20.12 -8.86
C PHE D 134 -23.47 20.51 -9.70
N GLN D 135 -24.53 21.00 -9.04
CA GLN D 135 -25.61 21.76 -9.70
C GLN D 135 -25.08 22.91 -10.58
N ARG D 136 -23.95 23.49 -10.19
CA ARG D 136 -23.33 24.62 -10.88
C ARG D 136 -22.72 24.24 -12.23
N VAL D 137 -22.20 23.02 -12.34
CA VAL D 137 -21.56 22.54 -13.58
C VAL D 137 -22.59 22.38 -14.68
N ASP D 138 -22.46 23.17 -15.74
CA ASP D 138 -23.44 23.21 -16.84
C ASP D 138 -22.84 23.08 -18.25
N THR D 139 -21.54 22.81 -18.35
CA THR D 139 -20.83 22.81 -19.62
C THR D 139 -19.86 21.62 -19.70
N LEU D 140 -19.93 20.88 -20.80
CA LEU D 140 -18.98 19.82 -21.12
C LEU D 140 -18.08 20.30 -22.23
N GLU D 141 -16.81 20.51 -21.92
CA GLU D 141 -15.82 21.01 -22.86
C GLU D 141 -14.83 19.89 -23.20
N ILE D 142 -14.57 19.72 -24.49
CA ILE D 142 -13.53 18.80 -24.97
C ILE D 142 -12.63 19.57 -25.93
N GLN D 143 -11.31 19.46 -25.73
CA GLN D 143 -10.32 20.22 -26.49
C GLN D 143 -9.03 19.41 -26.63
N GLY D 144 -8.21 19.79 -27.61
CA GLY D 144 -6.89 19.18 -27.82
C GLY D 144 -6.87 18.13 -28.93
N ASP D 145 -5.92 17.20 -28.81
CA ASP D 145 -5.67 16.20 -29.85
C ASP D 145 -6.54 14.97 -29.67
N VAL D 146 -7.79 15.10 -30.11
CA VAL D 146 -8.76 14.00 -30.09
C VAL D 146 -9.79 14.27 -31.19
N THR D 147 -10.31 13.21 -31.79
CA THR D 147 -11.49 13.34 -32.67
C THR D 147 -12.62 12.52 -32.05
N LEU D 148 -13.81 13.12 -31.97
CA LEU D 148 -14.96 12.55 -31.29
C LEU D 148 -15.92 11.88 -32.28
N SER D 149 -16.21 10.60 -32.06
CA SER D 149 -17.20 9.86 -32.85
C SER D 149 -18.64 10.16 -32.42
N TYR D 150 -18.82 10.41 -31.12
CA TYR D 150 -20.13 10.23 -30.47
C TYR D 150 -20.10 10.87 -29.08
N VAL D 151 -21.09 11.71 -28.79
CA VAL D 151 -21.30 12.24 -27.43
C VAL D 151 -22.79 12.16 -27.11
N GLN D 152 -23.11 11.63 -25.93
CA GLN D 152 -24.49 11.49 -25.47
C GLN D 152 -24.57 11.76 -23.97
N ILE D 153 -25.54 12.60 -23.58
CA ILE D 153 -25.82 12.89 -22.17
C ILE D 153 -27.12 12.18 -21.74
C1 NAG E . 16.85 -2.43 6.45
C2 NAG E . 17.59 -2.48 7.79
C3 NAG E . 16.69 -3.20 8.81
C4 NAG E . 15.30 -2.49 8.83
C5 NAG E . 14.62 -2.45 7.46
C6 NAG E . 13.35 -1.61 7.54
C7 NAG E . 19.93 -2.93 8.42
C8 NAG E . 21.14 -3.78 8.19
N2 NAG E . 18.85 -3.21 7.67
O1 NAG E . 17.63 -1.68 5.50
O3 NAG E . 17.22 -3.34 10.15
O4 NAG E . 14.42 -3.18 10.04
O5 NAG E . 15.55 -1.82 6.57
O6 NAG E . 12.70 -1.55 6.26
O7 NAG E . 19.95 -2.02 9.25
C1 GAL E . 17.55 -4.71 10.36
C2 GAL E . 18.34 -4.75 11.66
C3 GAL E . 18.58 -6.16 12.25
C4 GAL E . 17.46 -7.19 12.01
C5 GAL E . 16.90 -7.04 10.59
C6 GAL E . 15.74 -8.00 10.32
O2 GAL E . 19.48 -3.87 12.06
O3 GAL E . 19.16 -6.48 13.57
O4 GAL E . 16.44 -6.96 12.99
O5 GAL E . 16.47 -5.67 10.41
O6 GAL E . 15.13 -7.68 9.07
C2 BGC F . -13.91 -6.55 23.39
C3 BGC F . -13.71 -5.09 23.82
C4 BGC F . -15.07 -4.37 23.79
C5 BGC F . -16.18 -5.20 24.44
C6 BGC F . -17.57 -4.60 24.31
C1 BGC F . -15.07 -7.27 24.11
O1 BGC F . -15.20 -8.61 23.62
O2 BGC F . -12.55 -7.13 23.14
O3 BGC F . -12.77 -4.41 22.97
O4 BGC F . -14.92 -3.12 24.47
O5 BGC F . -16.26 -6.52 23.87
O6 BGC F . -17.93 -4.35 22.94
C1 GAL F . -15.45 -2.00 23.77
C2 GAL F . -15.34 -0.81 24.70
C3 GAL F . -15.69 0.47 23.94
C4 GAL F . -15.09 0.63 22.54
C5 GAL F . -15.32 -0.68 21.78
C6 GAL F . -14.70 -0.66 20.38
O2 GAL F . -16.21 -0.96 25.85
O3 GAL F . -15.59 1.77 24.55
O4 GAL F . -13.69 0.86 22.70
O5 GAL F . -14.77 -1.76 22.53
O6 GAL F . -14.92 -1.94 19.75
C1 NAG F . -16.26 2.91 24.78
C2 NAG F . -16.17 3.42 26.21
C3 NAG F . -17.00 4.70 26.33
C4 NAG F . -16.67 5.68 25.21
C5 NAG F . -16.74 5.02 23.82
C6 NAG F . -16.29 5.97 22.72
C7 NAG F . -15.78 1.70 27.94
C8 NAG F . -16.43 0.76 28.90
N2 NAG F . -16.62 2.44 27.19
O3 NAG F . -16.71 5.33 27.59
O4 NAG F . -17.58 6.78 25.26
O5 NAG F . -15.94 3.84 23.75
O6 NAG F . -14.93 6.37 22.92
O7 NAG F . -14.56 1.77 27.88
C1 GAL F . -17.85 5.31 28.46
C2 GAL F . -17.43 5.68 29.88
C3 GAL F . -18.62 5.62 30.83
C4 GAL F . -19.87 6.31 30.27
C5 GAL F . -20.09 6.07 28.77
C6 GAL F . -21.12 7.02 28.16
O2 GAL F . -16.41 4.78 30.32
O3 GAL F . -18.23 6.23 32.07
O4 GAL F . -19.78 7.73 30.52
O5 GAL F . -18.87 6.22 28.05
O6 GAL F . -21.49 6.55 26.86
C2 BGC G . -6.60 -12.32 -17.03
C3 BGC G . -5.25 -12.38 -17.79
C4 BGC G . -4.56 -13.74 -17.90
C5 BGC G . -5.61 -14.80 -18.24
C6 BGC G . -5.06 -16.22 -18.32
C1 BGC G . -7.45 -13.60 -17.24
O1 BGC G . -8.50 -13.69 -16.26
O2 BGC G . -7.03 -10.92 -17.09
O3 BGC G . -4.19 -11.36 -17.74
O4 BGC G . -3.52 -13.72 -18.87
O5 BGC G . -6.63 -14.78 -17.22
O6 BGC G . -4.44 -16.62 -17.09
C1 GAL G . -2.27 -14.22 -18.38
C2 GAL G . -1.47 -14.60 -19.61
C3 GAL G . -0.01 -14.85 -19.22
C4 GAL G . 0.63 -13.87 -18.24
C5 GAL G . -0.33 -13.68 -17.06
C6 GAL G . 0.19 -12.66 -16.05
O2 GAL G . -2.04 -15.74 -20.25
O3 GAL G . 0.98 -15.10 -20.25
O4 GAL G . 0.83 -12.63 -18.92
O5 GAL G . -1.60 -13.24 -17.57
O6 GAL G . -0.74 -12.55 -14.96
C1 NAG G . 2.03 -15.85 -20.58
C2 NAG G . 2.07 -16.25 -22.05
C3 NAG G . 3.23 -17.19 -22.33
C4 NAG G . 4.48 -16.76 -21.55
C5 NAG G . 4.32 -16.25 -20.10
C6 NAG G . 5.57 -15.61 -19.51
C7 NAG G . -0.15 -16.21 -23.11
C8 NAG G . -1.32 -17.04 -23.52
N2 NAG G . 0.84 -16.87 -22.52
O3 NAG G . 3.51 -17.23 -23.73
O4 NAG G . 5.74 -17.54 -21.52
O5 NAG G . 3.23 -15.32 -20.01
O6 NAG G . 6.10 -14.62 -20.41
O7 NAG G . -0.13 -15.00 -23.30
C1 GAL G . 3.33 -18.57 -24.24
C2 GAL G . 3.47 -18.47 -25.75
C3 GAL G . 3.49 -19.85 -26.41
C4 GAL G . 4.44 -20.80 -25.69
C5 GAL G . 4.13 -20.83 -24.20
C6 GAL G . 5.07 -21.76 -23.44
O2 GAL G . 2.37 -17.72 -26.28
O3 GAL G . 3.89 -19.70 -27.78
O4 GAL G . 5.80 -20.38 -25.90
O5 GAL G . 4.26 -19.49 -23.68
O6 GAL G . 4.62 -21.91 -22.09
C2 BGC H . 3.22 20.15 -12.97
C3 BGC H . 2.30 19.97 -14.17
C4 BGC H . 1.47 21.24 -14.40
C5 BGC H . 2.36 22.48 -14.44
C6 BGC H . 1.57 23.77 -14.60
C1 BGC H . 4.01 21.44 -13.08
O1 BGC H . 4.80 21.62 -11.90
O2 BGC H . 4.11 19.04 -12.88
O3 BGC H . 1.44 18.84 -13.99
O4 BGC H . 0.74 21.12 -15.63
O5 BGC H . 3.13 22.56 -13.23
O6 BGC H . 0.59 23.96 -13.57
C1 GAL H . -0.64 21.47 -15.51
C2 GAL H . -1.14 22.13 -16.80
C3 GAL H . -2.63 22.43 -16.71
C4 GAL H . -3.39 21.17 -16.28
C5 GAL H . -2.77 20.57 -15.03
C6 GAL H . -3.48 19.28 -14.63
O2 GAL H . -0.46 23.35 -17.10
O3 GAL H . -3.10 22.88 -17.98
O4 GAL H . -3.38 20.22 -17.34
O5 GAL H . -1.39 20.28 -15.26
O6 GAL H . -3.36 19.11 -13.22
C1 GOL I . -8.55 8.07 -2.61
O1 GOL I . -8.01 9.37 -2.32
C2 GOL I . -9.55 7.69 -1.53
O2 GOL I . -10.59 8.67 -1.52
C3 GOL I . -10.14 6.32 -1.80
O3 GOL I . -10.85 5.80 -0.66
#